data_4WVI
#
_entry.id   4WVI
#
_cell.length_a   63.989
_cell.length_b   80.232
_cell.length_c   119.879
_cell.angle_alpha   90.000
_cell.angle_beta   90.000
_cell.angle_gamma   90.000
#
_symmetry.space_group_name_H-M   'P 21 21 21'
#
loop_
_entity.id
_entity.type
_entity.pdbx_description
1 polymer 'Maltose-binding periplasmic protein,Signal peptidase IB'
2 polymer 'substrate peptide (pep2)'
3 branched alpha-D-glucopyranose-(1-4)-alpha-D-glucopyranose
4 water water
#
loop_
_entity_poly.entity_id
_entity_poly.type
_entity_poly.pdbx_seq_one_letter_code
_entity_poly.pdbx_strand_id
1 'polypeptide(L)'
;MSYYHHHHHHHMLVIWINGDKGYNGLAQVGKKFEKDTGIKVTVEHPYKLEEKFPQVAATGDGPDIIFWAHDRFGGYACSG
LLAEITPDKAFQDKLYPFTWDAVRYNGKLIAYPIAVEALSLIYNKDLLPNPPKTWEEIPALDGELKAKGKSALMFNLQEP
YFTWPLIAADGGYAFKYENGKYDIKDVGVDNAGAKAGLTFLVDLIKNKHMNADTDYSIAEAAFNKGETAMTINGPWAWSN
IDTSKVNYGVTVLPTFKGQPSKPFVGVLSAGINAASPNKELAKEFLENYLLTDEGLEAVNKDKPLGAVALKSYEEELAKD
PRIAATMENAQKGEIMPNIPQMSAFWYAVRTAVINAASGRQTVDEALKDAQTNAGAIVTPYTIKGESMDPTLKDGERVAV
NIVGYKTGGLEKGNVVVFHANKNDDYVKRVIGVPGDKVEYKNDTLYVNGKKQDEPYLNYNLKHKQGDYITGTFQVKDLPN
ANPKSNVIPKGKYLVLGDNREVSKDSRAFGLIDEDQIVGKVSFRFWSHPQFEK
;
A
2 'polypeptide(L)' GGGGAVPTAKA D
#
loop_
_chem_comp.id
_chem_comp.type
_chem_comp.name
_chem_comp.formula
GLC D-saccharide, alpha linking alpha-D-glucopyranose 'C6 H12 O6'
#
# COMPACT_ATOMS: atom_id res chain seq x y z
N HIS A 10 -9.67 -23.20 -17.76
CA HIS A 10 -8.72 -24.34 -18.00
C HIS A 10 -7.99 -24.29 -19.34
N HIS A 11 -8.64 -23.73 -20.36
CA HIS A 11 -8.11 -23.75 -21.71
C HIS A 11 -6.96 -22.77 -21.94
N MET A 12 -7.05 -21.58 -21.34
CA MET A 12 -6.15 -20.46 -21.67
C MET A 12 -5.45 -19.81 -20.45
N LEU A 13 -4.61 -18.81 -20.73
CA LEU A 13 -3.94 -18.00 -19.68
C LEU A 13 -4.44 -16.56 -19.77
N VAL A 14 -4.82 -16.02 -18.63
CA VAL A 14 -5.21 -14.63 -18.52
C VAL A 14 -4.11 -13.91 -17.74
N ILE A 15 -3.65 -12.79 -18.26
CA ILE A 15 -2.54 -12.07 -17.70
C ILE A 15 -2.93 -10.63 -17.47
N TRP A 16 -2.62 -10.14 -16.27
CA TRP A 16 -2.83 -8.75 -15.92
C TRP A 16 -1.48 -8.03 -15.85
N ILE A 17 -1.37 -6.88 -16.51
CA ILE A 17 -0.18 -6.04 -16.44
C ILE A 17 -0.61 -4.58 -16.49
N ASN A 18 0.19 -3.69 -15.93
CA ASN A 18 -0.23 -2.30 -15.83
C ASN A 18 -0.28 -1.60 -17.19
N GLY A 19 -1.18 -0.62 -17.29
CA GLY A 19 -1.46 0.04 -18.55
C GLY A 19 -0.33 0.88 -19.09
N ASP A 20 0.67 1.17 -18.26
CA ASP A 20 1.85 1.92 -18.71
C ASP A 20 2.97 1.02 -19.26
N LYS A 21 2.77 -0.29 -19.24
CA LYS A 21 3.79 -1.26 -19.67
C LYS A 21 3.49 -1.77 -21.09
N GLY A 22 4.41 -2.54 -21.65
CA GLY A 22 4.30 -2.97 -23.05
C GLY A 22 3.33 -4.12 -23.26
N TYR A 23 2.05 -3.90 -23.00
CA TYR A 23 1.07 -4.99 -23.02
C TYR A 23 0.79 -5.55 -24.41
N ASN A 24 0.90 -4.72 -25.44
CA ASN A 24 0.87 -5.19 -26.81
C ASN A 24 2.04 -6.10 -27.16
N GLY A 25 3.24 -5.75 -26.71
CA GLY A 25 4.40 -6.62 -26.87
C GLY A 25 4.21 -7.94 -26.16
N LEU A 26 3.68 -7.89 -24.95
CA LEU A 26 3.43 -9.09 -24.19
C LEU A 26 2.37 -9.98 -24.88
N ALA A 27 1.40 -9.35 -25.53
CA ALA A 27 0.39 -10.09 -26.31
C ALA A 27 1.03 -10.82 -27.50
N GLN A 28 2.07 -10.22 -28.09
CA GLN A 28 2.82 -10.88 -29.16
C GLN A 28 3.51 -12.13 -28.68
N VAL A 29 4.14 -12.07 -27.49
CA VAL A 29 4.70 -13.26 -26.89
C VAL A 29 3.58 -14.31 -26.67
N GLY A 30 2.43 -13.84 -26.22
CA GLY A 30 1.25 -14.71 -26.06
C GLY A 30 0.83 -15.39 -27.36
N LYS A 31 0.87 -14.65 -28.47
CA LYS A 31 0.54 -15.22 -29.78
C LYS A 31 1.52 -16.33 -30.21
N LYS A 32 2.80 -16.09 -29.98
CA LYS A 32 3.81 -17.11 -30.19
C LYS A 32 3.52 -18.38 -29.37
N PHE A 33 3.23 -18.23 -28.08
CA PHE A 33 2.90 -19.37 -27.21
C PHE A 33 1.68 -20.11 -27.76
N GLU A 34 0.69 -19.36 -28.23
CA GLU A 34 -0.51 -19.94 -28.83
C GLU A 34 -0.16 -20.69 -30.10
N LYS A 35 0.64 -20.08 -30.96
CA LYS A 35 1.05 -20.73 -32.21
C LYS A 35 1.75 -22.06 -31.94
N ASP A 36 2.68 -22.08 -30.98
CA ASP A 36 3.38 -23.31 -30.59
C ASP A 36 2.51 -24.35 -29.87
N THR A 37 1.64 -23.89 -28.97
CA THR A 37 0.95 -24.78 -28.03
C THR A 37 -0.55 -24.89 -28.22
N GLY A 38 -1.15 -24.04 -29.03
CA GLY A 38 -2.60 -23.95 -29.11
C GLY A 38 -3.31 -23.31 -27.93
N ILE A 39 -2.58 -22.95 -26.86
CA ILE A 39 -3.18 -22.37 -25.67
C ILE A 39 -3.27 -20.84 -25.80
N LYS A 40 -4.48 -20.30 -25.77
CA LYS A 40 -4.69 -18.87 -25.98
C LYS A 40 -4.22 -18.07 -24.77
N VAL A 41 -3.65 -16.90 -25.03
CA VAL A 41 -3.17 -16.01 -23.98
C VAL A 41 -3.89 -14.67 -24.11
N THR A 42 -4.54 -14.23 -23.04
CA THR A 42 -5.24 -12.95 -23.06
C THR A 42 -4.61 -11.96 -22.10
N VAL A 43 -4.20 -10.80 -22.61
CA VAL A 43 -3.55 -9.79 -21.79
C VAL A 43 -4.51 -8.66 -21.50
N GLU A 44 -4.71 -8.37 -20.22
CA GLU A 44 -5.56 -7.28 -19.77
C GLU A 44 -4.77 -6.28 -18.91
N HIS A 45 -5.23 -5.02 -18.93
CA HIS A 45 -4.61 -3.97 -18.12
C HIS A 45 -5.66 -3.17 -17.36
N PRO A 46 -6.32 -3.82 -16.39
CA PRO A 46 -7.39 -3.13 -15.67
C PRO A 46 -6.88 -1.99 -14.81
N TYR A 47 -7.69 -0.95 -14.69
CA TYR A 47 -7.38 0.19 -13.83
C TYR A 47 -7.18 -0.25 -12.38
N LYS A 48 -6.12 0.22 -11.75
CA LYS A 48 -5.79 -0.18 -10.37
C LYS A 48 -5.82 -1.69 -10.17
N LEU A 49 -5.18 -2.42 -11.07
CA LEU A 49 -5.21 -3.87 -11.01
C LEU A 49 -4.59 -4.38 -9.72
N GLU A 50 -3.63 -3.63 -9.17
CA GLU A 50 -2.91 -4.05 -7.97
C GLU A 50 -3.82 -4.06 -6.76
N GLU A 51 -4.89 -3.25 -6.81
CA GLU A 51 -5.94 -3.25 -5.79
C GLU A 51 -7.02 -4.28 -6.09
N LYS A 52 -7.41 -4.42 -7.36
CA LYS A 52 -8.42 -5.42 -7.74
C LYS A 52 -7.97 -6.87 -7.52
N PHE A 53 -6.68 -7.16 -7.64
CA PHE A 53 -6.23 -8.56 -7.61
C PHE A 53 -6.66 -9.38 -6.39
N PRO A 54 -6.47 -8.85 -5.16
CA PRO A 54 -6.93 -9.61 -3.98
C PRO A 54 -8.44 -9.86 -3.97
N GLN A 55 -9.21 -8.90 -4.44
CA GLN A 55 -10.67 -9.04 -4.56
C GLN A 55 -11.03 -10.31 -5.31
N VAL A 56 -10.42 -10.48 -6.49
CA VAL A 56 -10.85 -11.52 -7.43
C VAL A 56 -10.05 -12.81 -7.36
N ALA A 57 -8.82 -12.74 -6.84
CA ALA A 57 -7.87 -13.86 -6.92
C ALA A 57 -8.48 -15.25 -6.72
N ALA A 58 -9.20 -15.44 -5.60
CA ALA A 58 -9.89 -16.69 -5.31
C ALA A 58 -11.00 -16.96 -6.33
N THR A 59 -11.94 -16.03 -6.43
CA THR A 59 -13.07 -16.11 -7.35
C THR A 59 -12.62 -15.98 -8.81
N GLY A 60 -12.04 -17.05 -9.35
CA GLY A 60 -11.49 -17.04 -10.71
C GLY A 60 -12.48 -16.66 -11.79
N GLY A 62 -10.05 -14.15 -11.46
CA GLY A 62 -8.82 -13.38 -11.55
C GLY A 62 -7.87 -13.91 -12.63
N PRO A 63 -6.73 -13.23 -12.83
CA PRO A 63 -5.76 -13.68 -13.83
C PRO A 63 -5.00 -14.91 -13.38
N ASP A 64 -4.43 -15.65 -14.33
CA ASP A 64 -3.50 -16.71 -13.98
C ASP A 64 -2.15 -16.15 -13.59
N ILE A 65 -1.77 -15.07 -14.25
CA ILE A 65 -0.49 -14.39 -14.03
C ILE A 65 -0.74 -12.91 -13.79
N ILE A 66 -0.11 -12.38 -12.75
CA ILE A 66 -0.18 -10.95 -12.48
C ILE A 66 1.23 -10.34 -12.46
N PHE A 67 1.38 -9.23 -13.19
CA PHE A 67 2.61 -8.46 -13.26
C PHE A 67 2.45 -7.19 -12.43
N TRP A 68 3.39 -6.96 -11.53
CA TRP A 68 3.51 -5.70 -10.80
C TRP A 68 4.93 -5.61 -10.25
N ALA A 69 5.33 -4.43 -9.78
CA ALA A 69 6.56 -4.32 -9.06
C ALA A 69 6.51 -5.24 -7.86
N HIS A 70 7.66 -5.74 -7.47
CA HIS A 70 7.76 -6.74 -6.39
C HIS A 70 7.18 -6.31 -5.04
N ASP A 71 7.07 -5.01 -4.78
CA ASP A 71 6.67 -4.55 -3.46
C ASP A 71 5.29 -5.06 -3.03
N ARG A 72 4.38 -5.29 -3.98
CA ARG A 72 3.00 -5.71 -3.63
C ARG A 72 2.86 -7.20 -3.34
N PHE A 73 3.88 -7.99 -3.66
CA PHE A 73 3.72 -9.44 -3.69
C PHE A 73 3.74 -10.11 -2.33
N GLY A 74 4.43 -9.52 -1.35
CA GLY A 74 4.46 -10.10 -0.01
C GLY A 74 3.10 -10.06 0.63
N GLY A 75 2.40 -8.95 0.42
CA GLY A 75 1.01 -8.83 0.83
C GLY A 75 0.15 -9.92 0.19
N TYR A 76 0.33 -10.10 -1.12
CA TYR A 76 -0.41 -11.14 -1.83
C TYR A 76 -0.07 -12.52 -1.31
N ALA A 77 1.22 -12.81 -1.12
CA ALA A 77 1.64 -14.10 -0.55
C ALA A 77 1.10 -14.36 0.85
N CYS A 78 1.21 -13.35 1.72
CA CYS A 78 0.63 -13.41 3.09
C CYS A 78 -0.88 -13.70 3.09
N SER A 79 -1.57 -13.22 2.06
CA SER A 79 -2.99 -13.48 1.90
C SER A 79 -3.27 -14.82 1.20
N GLY A 80 -2.23 -15.60 0.91
CA GLY A 80 -2.39 -16.91 0.30
C GLY A 80 -2.78 -16.90 -1.17
N LEU A 81 -2.54 -15.79 -1.86
CA LEU A 81 -3.02 -15.62 -3.22
C LEU A 81 -2.08 -16.08 -4.33
N LEU A 82 -0.86 -16.46 -3.98
CA LEU A 82 0.18 -16.78 -4.94
C LEU A 82 0.72 -18.19 -4.74
N ALA A 83 1.07 -18.84 -5.85
CA ALA A 83 1.77 -20.11 -5.81
C ALA A 83 3.27 -19.86 -5.70
N GLU A 84 3.94 -20.72 -4.93
CA GLU A 84 5.39 -20.76 -4.92
C GLU A 84 5.83 -21.17 -6.30
N ILE A 85 6.78 -20.45 -6.88
CA ILE A 85 7.30 -20.84 -8.19
C ILE A 85 8.48 -21.78 -8.01
N THR A 86 8.74 -22.58 -9.04
CA THR A 86 9.66 -23.71 -8.95
C THR A 86 10.72 -23.73 -10.06
N PRO A 87 11.44 -22.61 -10.27
CA PRO A 87 12.50 -22.64 -11.29
C PRO A 87 13.65 -23.53 -10.86
N ASP A 88 14.20 -24.31 -11.78
CA ASP A 88 15.37 -25.13 -11.43
C ASP A 88 16.65 -24.26 -11.38
N LYS A 89 17.76 -24.88 -10.99
CA LYS A 89 19.04 -24.20 -10.85
C LYS A 89 19.49 -23.52 -12.14
N ALA A 90 19.39 -24.25 -13.24
CA ALA A 90 19.79 -23.75 -14.55
C ALA A 90 19.08 -22.45 -14.88
N PHE A 91 17.78 -22.41 -14.59
CA PHE A 91 17.01 -21.24 -14.89
C PHE A 91 17.36 -20.10 -13.96
N GLN A 92 17.44 -20.35 -12.66
CA GLN A 92 17.77 -19.29 -11.72
C GLN A 92 19.06 -18.59 -12.06
N ASP A 93 20.04 -19.40 -12.51
CA ASP A 93 21.36 -18.89 -12.94
C ASP A 93 21.32 -17.95 -14.14
N LYS A 94 20.25 -18.00 -14.93
CA LYS A 94 20.09 -17.09 -16.05
C LYS A 94 19.65 -15.67 -15.67
N LEU A 95 19.27 -15.46 -14.42
CA LEU A 95 18.86 -14.15 -13.93
C LEU A 95 19.81 -13.66 -12.86
N TYR A 96 19.96 -12.34 -12.74
CA TYR A 96 20.83 -11.78 -11.72
C TYR A 96 20.32 -12.20 -10.34
N PRO A 97 21.24 -12.62 -9.46
CA PRO A 97 20.87 -13.04 -8.11
C PRO A 97 20.08 -12.00 -7.33
N PHE A 98 20.43 -10.72 -7.44
CA PHE A 98 19.72 -9.70 -6.68
C PHE A 98 18.24 -9.60 -7.09
N THR A 99 17.91 -9.96 -8.32
CA THR A 99 16.52 -9.93 -8.76
C THR A 99 15.68 -11.02 -8.07
N TRP A 100 16.27 -12.20 -7.86
CA TRP A 100 15.62 -13.26 -7.07
C TRP A 100 15.41 -12.81 -5.61
N ASP A 101 16.34 -12.03 -5.06
CA ASP A 101 16.15 -11.52 -3.70
C ASP A 101 14.83 -10.73 -3.55
N ALA A 102 14.47 -9.98 -4.58
CA ALA A 102 13.30 -9.10 -4.51
C ALA A 102 11.98 -9.84 -4.48
N VAL A 103 11.97 -11.07 -4.97
CA VAL A 103 10.77 -11.89 -5.08
C VAL A 103 10.76 -13.08 -4.12
N ARG A 104 11.59 -13.04 -3.08
CA ARG A 104 11.61 -14.07 -2.06
C ARG A 104 10.91 -13.52 -0.83
N TYR A 105 9.94 -14.28 -0.33
CA TYR A 105 9.15 -13.90 0.83
C TYR A 105 8.99 -15.11 1.73
N ASN A 106 9.35 -14.94 3.01
CA ASN A 106 9.37 -16.03 4.01
C ASN A 106 10.13 -17.25 3.52
N GLY A 107 11.25 -17.02 2.84
CA GLY A 107 12.10 -18.09 2.35
C GLY A 107 11.75 -18.68 1.00
N LYS A 108 10.60 -18.31 0.44
CA LYS A 108 10.13 -18.92 -0.81
C LYS A 108 10.06 -17.91 -1.95
N LEU A 109 10.36 -18.37 -3.16
CA LEU A 109 10.22 -17.55 -4.35
C LEU A 109 8.75 -17.47 -4.71
N ILE A 110 8.22 -16.25 -4.81
CA ILE A 110 6.80 -16.04 -5.05
C ILE A 110 6.46 -15.32 -6.35
N ALA A 111 7.48 -15.05 -7.18
CA ALA A 111 7.27 -14.48 -8.51
C ALA A 111 8.54 -14.61 -9.32
N TYR A 112 8.40 -14.43 -10.64
CA TYR A 112 9.51 -14.34 -11.56
C TYR A 112 9.88 -12.88 -11.73
N PRO A 113 11.15 -12.52 -11.47
CA PRO A 113 11.56 -11.14 -11.75
C PRO A 113 11.73 -10.90 -13.25
N ILE A 114 11.39 -9.71 -13.70
CA ILE A 114 11.43 -9.37 -15.10
C ILE A 114 12.43 -8.24 -15.38
N ALA A 115 12.32 -7.13 -14.65
CA ALA A 115 13.17 -5.99 -14.91
C ALA A 115 13.23 -5.03 -13.73
N VAL A 116 14.34 -4.31 -13.63
CA VAL A 116 14.58 -3.33 -12.61
C VAL A 116 14.18 -1.96 -13.16
N GLU A 117 13.35 -1.28 -12.39
CA GLU A 117 12.80 0.02 -12.73
C GLU A 117 13.26 1.07 -11.70
N ALA A 118 13.87 2.14 -12.17
CA ALA A 118 14.14 3.30 -11.34
C ALA A 118 13.75 4.54 -12.11
N LEU A 119 13.23 5.54 -11.39
CA LEU A 119 12.93 6.83 -11.98
C LEU A 119 14.21 7.55 -12.37
N SER A 120 14.17 8.30 -13.47
CA SER A 120 15.22 9.22 -13.85
C SER A 120 14.66 10.61 -14.15
N LEU A 121 15.56 11.58 -14.27
CA LEU A 121 15.21 12.89 -14.76
C LEU A 121 15.25 12.86 -16.27
N ILE A 122 14.15 13.21 -16.89
CA ILE A 122 14.06 13.24 -18.33
C ILE A 122 13.95 14.71 -18.73
N TYR A 123 14.76 15.14 -19.68
CA TYR A 123 14.76 16.57 -20.03
C TYR A 123 14.84 16.84 -21.53
N ASN A 124 14.35 18.02 -21.91
CA ASN A 124 14.29 18.44 -23.31
C ASN A 124 15.56 19.21 -23.63
N LYS A 125 16.44 18.60 -24.41
CA LYS A 125 17.75 19.19 -24.69
C LYS A 125 17.67 20.51 -25.46
N ASP A 126 16.58 20.73 -26.19
CA ASP A 126 16.43 21.94 -27.00
C ASP A 126 16.00 23.09 -26.10
N LEU A 127 15.15 22.83 -25.11
CA LEU A 127 14.79 23.84 -24.11
C LEU A 127 15.86 24.03 -23.04
N LEU A 128 16.60 22.96 -22.72
CA LEU A 128 17.44 22.94 -21.55
C LEU A 128 18.65 22.06 -21.82
N PRO A 129 19.68 22.63 -22.45
CA PRO A 129 20.83 21.80 -22.84
C PRO A 129 21.61 21.27 -21.64
N ASN A 130 21.64 22.00 -20.54
CA ASN A 130 22.27 21.53 -19.30
C ASN A 130 21.22 21.36 -18.21
N PRO A 131 20.83 20.10 -17.92
CA PRO A 131 19.87 19.92 -16.85
C PRO A 131 20.42 20.36 -15.47
N PRO A 132 19.54 20.78 -14.56
CA PRO A 132 19.98 21.24 -13.26
C PRO A 132 20.58 20.12 -12.40
N LYS A 133 21.68 20.40 -11.73
CA LYS A 133 22.28 19.48 -10.76
C LYS A 133 21.51 19.40 -9.45
N THR A 134 20.76 20.47 -9.13
CA THR A 134 20.11 20.57 -7.82
C THR A 134 18.64 20.91 -7.97
N TRP A 135 17.83 20.37 -7.06
CA TRP A 135 16.43 20.75 -6.95
C TRP A 135 16.30 22.26 -6.67
N GLU A 136 17.24 22.78 -5.90
CA GLU A 136 17.21 24.20 -5.49
C GLU A 136 17.24 25.18 -6.69
N GLU A 137 17.79 24.76 -7.81
CA GLU A 137 17.84 25.60 -9.04
C GLU A 137 16.52 25.75 -9.76
N ILE A 138 15.57 24.89 -9.46
CA ILE A 138 14.39 24.77 -10.30
C ILE A 138 13.47 26.00 -10.27
N PRO A 139 13.33 26.66 -9.10
CA PRO A 139 12.54 27.90 -9.08
C PRO A 139 13.03 28.93 -10.09
N ALA A 140 14.32 29.25 -10.07
CA ALA A 140 14.87 30.24 -11.00
C ALA A 140 14.74 29.75 -12.45
N LEU A 141 15.02 28.48 -12.67
CA LEU A 141 14.88 27.89 -14.00
C LEU A 141 13.46 28.06 -14.54
N ASP A 142 12.47 27.77 -13.69
CA ASP A 142 11.09 27.91 -14.06
C ASP A 142 10.74 29.35 -14.45
N GLY A 143 11.20 30.32 -13.67
CA GLY A 143 11.11 31.74 -14.03
C GLY A 143 11.57 32.01 -15.46
N GLU A 144 12.77 31.56 -15.82
CA GLU A 144 13.27 31.73 -17.19
C GLU A 144 12.36 31.08 -18.23
N LEU A 145 11.87 29.87 -17.96
CA LEU A 145 11.06 29.16 -18.93
C LEU A 145 9.65 29.75 -19.03
N LYS A 146 9.12 30.24 -17.92
CA LYS A 146 7.81 30.89 -17.97
C LYS A 146 7.83 32.12 -18.90
N ALA A 147 8.97 32.82 -18.94
CA ALA A 147 9.16 33.97 -19.82
C ALA A 147 9.02 33.61 -21.31
N LYS A 148 9.16 32.34 -21.66
CA LYS A 148 8.91 31.88 -23.02
C LYS A 148 7.71 30.94 -23.13
N GLY A 149 6.78 31.05 -22.19
CA GLY A 149 5.55 30.29 -22.22
C GLY A 149 5.68 28.80 -21.91
N LYS A 150 6.81 28.41 -21.29
CA LYS A 150 7.06 27.00 -20.92
C LYS A 150 7.19 26.89 -19.41
N SER A 151 7.32 25.67 -18.90
CA SER A 151 7.63 25.43 -17.49
C SER A 151 8.89 24.55 -17.35
N ALA A 152 9.51 24.58 -16.17
CA ALA A 152 10.69 23.80 -15.90
C ALA A 152 10.44 22.31 -15.74
N LEU A 153 9.43 21.97 -14.93
CA LEU A 153 9.27 20.61 -14.43
C LEU A 153 7.80 20.26 -14.23
N MET A 154 7.39 19.14 -14.82
CA MET A 154 6.10 18.56 -14.54
C MET A 154 6.19 17.06 -14.38
N PHE A 155 5.63 16.55 -13.30
CA PHE A 155 5.62 15.10 -13.05
C PHE A 155 4.43 14.72 -12.19
N ASN A 156 4.10 13.42 -12.17
CA ASN A 156 2.92 12.93 -11.50
C ASN A 156 2.98 13.19 -9.99
N LEU A 157 2.19 14.15 -9.51
CA LEU A 157 2.13 14.46 -8.08
C LEU A 157 1.09 13.65 -7.35
N GLN A 158 0.34 12.82 -8.05
CA GLN A 158 -0.75 12.07 -7.40
C GLN A 158 -0.29 10.72 -6.86
N GLU A 159 0.89 10.26 -7.26
CA GLU A 159 1.39 8.97 -6.82
C GLU A 159 2.71 9.19 -6.10
N PRO A 160 2.81 8.72 -4.86
CA PRO A 160 3.99 9.04 -4.08
C PRO A 160 5.29 8.43 -4.59
N TYR A 161 5.18 7.40 -5.44
CA TYR A 161 6.34 6.84 -6.11
C TYR A 161 7.21 7.93 -6.71
N PHE A 162 6.58 8.96 -7.28
CA PHE A 162 7.30 9.97 -8.07
C PHE A 162 7.89 11.06 -7.18
N THR A 163 7.25 11.33 -6.05
CA THR A 163 7.72 12.32 -5.09
C THR A 163 8.70 11.75 -4.07
N TRP A 164 8.64 10.44 -3.86
CA TRP A 164 9.50 9.78 -2.89
C TRP A 164 11.01 10.08 -3.04
N PRO A 165 11.54 10.13 -4.27
CA PRO A 165 12.97 10.38 -4.42
C PRO A 165 13.44 11.68 -3.73
N LEU A 166 12.59 12.70 -3.77
CA LEU A 166 12.90 13.99 -3.17
C LEU A 166 12.68 13.89 -1.65
N ILE A 167 11.61 13.24 -1.23
CA ILE A 167 11.33 13.02 0.19
C ILE A 167 12.43 12.25 0.89
N ALA A 168 12.94 11.21 0.24
CA ALA A 168 13.99 10.40 0.86
C ALA A 168 15.38 11.03 0.72
N ALA A 169 15.53 12.06 -0.13
CA ALA A 169 16.87 12.57 -0.42
C ALA A 169 17.66 12.94 0.83
N ASP A 170 17.08 13.72 1.72
CA ASP A 170 17.78 14.21 2.90
C ASP A 170 17.52 13.37 4.15
N GLY A 171 16.89 12.19 4.01
CA GLY A 171 16.81 11.25 5.11
C GLY A 171 15.52 10.49 5.33
N GLY A 172 14.45 10.76 4.59
CA GLY A 172 13.22 9.95 4.72
C GLY A 172 13.44 8.49 4.35
N TYR A 173 12.71 7.57 4.99
CA TYR A 173 12.71 6.15 4.64
C TYR A 173 11.36 5.51 4.99
N ALA A 174 11.11 4.33 4.45
CA ALA A 174 9.87 3.62 4.72
C ALA A 174 10.00 2.82 6.03
N PHE A 175 10.58 1.63 5.96
CA PHE A 175 10.86 0.81 7.14
C PHE A 175 12.34 0.51 7.21
N LYS A 176 12.94 0.71 8.37
CA LYS A 176 14.37 0.46 8.58
C LYS A 176 14.72 -1.02 8.40
N TYR A 177 15.68 -1.33 7.52
CA TYR A 177 16.21 -2.67 7.34
C TYR A 177 17.49 -2.78 8.18
N GLU A 178 17.52 -3.72 9.12
CA GLU A 178 18.68 -3.89 10.02
C GLU A 178 18.77 -5.32 10.50
N ASN A 179 19.99 -5.86 10.51
CA ASN A 179 20.22 -7.21 10.98
C ASN A 179 19.30 -8.20 10.29
N GLY A 180 19.18 -8.09 8.98
CA GLY A 180 18.42 -9.04 8.17
C GLY A 180 16.91 -8.89 8.15
N LYS A 181 16.38 -7.85 8.77
CA LYS A 181 14.94 -7.72 8.92
C LYS A 181 14.47 -6.27 8.81
N TYR A 182 13.28 -6.08 8.26
CA TYR A 182 12.63 -4.78 8.35
C TYR A 182 11.95 -4.63 9.70
N ASP A 183 12.12 -3.50 10.36
CA ASP A 183 11.45 -3.20 11.61
C ASP A 183 10.22 -2.34 11.31
N ILE A 184 9.02 -2.92 11.32
CA ILE A 184 7.84 -2.11 10.96
C ILE A 184 7.41 -1.12 12.01
N LYS A 185 7.99 -1.20 13.20
CA LYS A 185 7.84 -0.12 14.18
C LYS A 185 8.69 1.12 13.85
N ASP A 186 9.75 0.94 13.05
CA ASP A 186 10.66 2.03 12.70
C ASP A 186 10.36 2.60 11.32
N VAL A 187 9.57 3.66 11.30
CA VAL A 187 9.07 4.25 10.08
C VAL A 187 9.71 5.61 9.92
N GLY A 188 10.17 5.94 8.72
CA GLY A 188 10.94 7.15 8.50
C GLY A 188 10.21 8.21 7.73
N VAL A 189 8.90 8.26 7.87
CA VAL A 189 8.08 9.18 7.09
C VAL A 189 7.99 10.59 7.67
N ASP A 190 8.20 10.76 8.98
CA ASP A 190 8.13 12.10 9.57
C ASP A 190 9.43 12.56 10.23
N ASN A 191 10.56 12.08 9.74
CA ASN A 191 11.84 12.58 10.22
C ASN A 191 12.21 13.90 9.53
N ALA A 192 13.34 14.47 9.91
CA ALA A 192 13.70 15.81 9.46
C ALA A 192 13.89 15.84 7.94
N GLY A 193 14.50 14.79 7.39
CA GLY A 193 14.74 14.72 5.94
C GLY A 193 13.48 14.69 5.12
N ALA A 194 12.53 13.86 5.53
CA ALA A 194 11.21 13.77 4.91
C ALA A 194 10.47 15.10 4.94
N LYS A 195 10.51 15.77 6.08
CA LYS A 195 9.86 17.09 6.24
C LYS A 195 10.48 18.10 5.30
N ALA A 196 11.81 18.10 5.22
CA ALA A 196 12.47 19.07 4.37
C ALA A 196 12.13 18.85 2.90
N GLY A 197 12.14 17.59 2.45
CA GLY A 197 11.80 17.28 1.07
C GLY A 197 10.37 17.66 0.72
N LEU A 198 9.43 17.26 1.55
CA LEU A 198 8.03 17.55 1.31
C LEU A 198 7.76 19.05 1.37
N THR A 199 8.43 19.73 2.30
CA THR A 199 8.35 21.18 2.36
C THR A 199 8.81 21.83 1.08
N PHE A 200 9.91 21.35 0.52
CA PHE A 200 10.39 21.90 -0.72
C PHE A 200 9.36 21.75 -1.86
N LEU A 201 8.76 20.58 -1.95
CA LEU A 201 7.74 20.30 -2.94
C LEU A 201 6.54 21.23 -2.76
N VAL A 202 6.09 21.38 -1.52
CA VAL A 202 4.99 22.30 -1.22
C VAL A 202 5.37 23.76 -1.58
N ASP A 203 6.61 24.15 -1.31
CA ASP A 203 7.06 25.49 -1.69
C ASP A 203 7.02 25.69 -3.21
N LEU A 204 7.40 24.67 -3.97
CA LEU A 204 7.31 24.74 -5.43
C LEU A 204 5.90 25.02 -5.89
N ILE A 205 4.95 24.34 -5.27
CA ILE A 205 3.54 24.49 -5.59
C ILE A 205 3.03 25.86 -5.14
N LYS A 206 3.35 26.26 -3.93
CA LYS A 206 2.97 27.59 -3.45
C LYS A 206 3.43 28.70 -4.38
N ASN A 207 4.65 28.57 -4.89
CA ASN A 207 5.20 29.57 -5.77
C ASN A 207 4.87 29.33 -7.24
N LYS A 208 3.90 28.46 -7.51
CA LYS A 208 3.38 28.20 -8.87
C LYS A 208 4.38 27.62 -9.86
N HIS A 209 5.43 26.99 -9.35
CA HIS A 209 6.36 26.29 -10.19
C HIS A 209 5.83 24.89 -10.54
N MET A 210 4.88 24.40 -9.77
CA MET A 210 4.12 23.19 -10.09
C MET A 210 2.68 23.36 -9.60
N ASN A 211 1.79 22.56 -10.15
CA ASN A 211 0.37 22.56 -9.81
C ASN A 211 0.06 21.28 -9.06
N ALA A 212 -0.69 21.40 -7.97
CA ALA A 212 -0.97 20.25 -7.12
C ALA A 212 -1.82 19.21 -7.82
N ASP A 213 -2.52 19.61 -8.88
CA ASP A 213 -3.37 18.69 -9.62
C ASP A 213 -2.64 17.90 -10.73
N THR A 214 -1.36 18.13 -10.93
CA THR A 214 -0.65 17.46 -12.04
C THR A 214 -0.59 15.95 -11.83
N ASP A 215 -1.01 15.19 -12.83
CA ASP A 215 -1.07 13.73 -12.74
C ASP A 215 -0.24 13.12 -13.85
N TYR A 216 -0.30 11.80 -14.00
CA TYR A 216 0.58 11.12 -14.97
C TYR A 216 0.36 11.65 -16.38
N SER A 217 -0.90 11.67 -16.81
CA SER A 217 -1.25 12.03 -18.18
C SER A 217 -0.96 13.49 -18.50
N ILE A 218 -1.18 14.37 -17.51
CA ILE A 218 -0.95 15.79 -17.71
C ILE A 218 0.54 16.03 -17.90
N ALA A 219 1.36 15.43 -17.05
CA ALA A 219 2.81 15.63 -17.15
C ALA A 219 3.36 14.99 -18.43
N GLU A 220 2.91 13.79 -18.77
CA GLU A 220 3.40 13.13 -19.99
C GLU A 220 3.04 13.93 -21.24
N ALA A 221 1.81 14.44 -21.31
CA ALA A 221 1.38 15.21 -22.46
C ALA A 221 2.23 16.47 -22.58
N ALA A 222 2.45 17.13 -21.45
CA ALA A 222 3.21 18.37 -21.44
C ALA A 222 4.63 18.18 -21.92
N PHE A 223 5.31 17.16 -21.39
CA PHE A 223 6.67 16.92 -21.81
C PHE A 223 6.72 16.55 -23.28
N ASN A 224 5.82 15.67 -23.71
CA ASN A 224 5.86 15.16 -25.06
C ASN A 224 5.43 16.18 -26.11
N LYS A 225 4.77 17.25 -25.67
CA LYS A 225 4.40 18.33 -26.58
C LYS A 225 5.35 19.52 -26.51
N GLY A 226 6.44 19.41 -25.76
CA GLY A 226 7.44 20.47 -25.70
C GLY A 226 7.06 21.66 -24.84
N GLU A 227 6.14 21.48 -23.90
CA GLU A 227 5.66 22.56 -23.04
C GLU A 227 6.40 22.67 -21.70
N THR A 228 7.07 21.59 -21.29
CA THR A 228 7.86 21.59 -20.07
C THR A 228 9.23 20.98 -20.34
N ALA A 229 10.25 21.54 -19.70
CA ALA A 229 11.62 21.18 -19.99
C ALA A 229 12.03 19.85 -19.36
N MET A 230 11.34 19.44 -18.31
CA MET A 230 11.72 18.25 -17.56
C MET A 230 10.54 17.49 -17.03
N THR A 231 10.68 16.17 -16.93
CA THR A 231 9.74 15.34 -16.22
C THR A 231 10.52 14.29 -15.45
N ILE A 232 9.81 13.53 -14.62
CA ILE A 232 10.40 12.43 -13.85
C ILE A 232 9.56 11.20 -14.17
N ASN A 233 10.19 10.18 -14.74
CA ASN A 233 9.48 9.00 -15.15
C ASN A 233 10.44 7.84 -15.33
N GLY A 234 9.87 6.66 -15.52
CA GLY A 234 10.65 5.45 -15.68
C GLY A 234 10.80 5.07 -17.15
N PRO A 235 11.49 3.98 -17.41
CA PRO A 235 11.84 3.60 -18.79
C PRO A 235 10.66 3.37 -19.73
N TRP A 236 9.57 2.91 -19.17
CA TRP A 236 8.33 2.64 -19.94
C TRP A 236 7.84 3.88 -20.68
N ALA A 237 8.21 5.06 -20.18
CA ALA A 237 7.85 6.33 -20.79
C ALA A 237 8.61 6.66 -22.07
N TRP A 238 9.76 6.03 -22.31
CA TRP A 238 10.63 6.50 -23.39
C TRP A 238 10.03 6.33 -24.80
N SER A 239 9.22 5.28 -25.01
CA SER A 239 8.60 5.03 -26.31
C SER A 239 7.76 6.20 -26.81
N ASN A 240 6.90 6.71 -25.93
CA ASN A 240 6.03 7.82 -26.30
C ASN A 240 6.83 9.07 -26.59
N ILE A 241 7.97 9.25 -25.92
CA ILE A 241 8.80 10.40 -26.17
C ILE A 241 9.48 10.22 -27.53
N ASP A 242 9.94 9.01 -27.84
CA ASP A 242 10.49 8.71 -29.18
C ASP A 242 9.51 9.13 -30.30
N THR A 243 8.26 8.73 -30.15
CA THR A 243 7.20 9.07 -31.11
C THR A 243 6.99 10.57 -31.26
N SER A 244 7.09 11.31 -30.16
CA SER A 244 6.85 12.75 -30.17
C SER A 244 7.96 13.54 -30.85
N LYS A 245 9.12 12.93 -31.02
CA LYS A 245 10.28 13.58 -31.65
C LYS A 245 10.98 14.63 -30.78
N VAL A 246 10.57 14.78 -29.51
CA VAL A 246 11.30 15.64 -28.60
C VAL A 246 12.73 15.13 -28.50
N ASN A 247 13.70 16.03 -28.58
CA ASN A 247 15.10 15.67 -28.41
C ASN A 247 15.41 15.61 -26.92
N TYR A 248 15.34 14.40 -26.37
CA TYR A 248 15.37 14.24 -24.91
C TYR A 248 16.62 13.56 -24.42
N GLY A 249 16.96 13.86 -23.16
CA GLY A 249 17.99 13.12 -22.43
C GLY A 249 17.42 12.47 -21.17
N VAL A 250 18.12 11.45 -20.69
CA VAL A 250 17.74 10.74 -19.45
C VAL A 250 18.97 10.79 -18.56
N THR A 251 18.83 11.39 -17.39
CA THR A 251 19.98 11.68 -16.56
C THR A 251 19.72 11.47 -15.06
N VAL A 252 20.74 11.76 -14.26
CA VAL A 252 20.68 11.55 -12.83
C VAL A 252 19.74 12.58 -12.23
N LEU A 253 18.89 12.15 -11.30
CA LEU A 253 18.01 13.06 -10.58
C LEU A 253 18.84 14.14 -9.87
N PRO A 254 18.28 15.35 -9.73
CA PRO A 254 19.07 16.37 -9.04
C PRO A 254 19.23 16.07 -7.54
N THR A 255 20.22 16.70 -6.92
CA THR A 255 20.40 16.61 -5.49
C THR A 255 19.45 17.55 -4.75
N PHE A 256 19.22 17.23 -3.49
CA PHE A 256 18.49 18.11 -2.59
C PHE A 256 19.29 18.28 -1.31
N LYS A 257 19.53 19.54 -0.92
CA LYS A 257 20.45 19.87 0.20
C LYS A 257 21.78 19.13 0.10
N GLY A 258 22.26 18.98 -1.12
CA GLY A 258 23.53 18.34 -1.38
C GLY A 258 23.47 16.83 -1.48
N GLN A 259 22.30 16.23 -1.25
CA GLN A 259 22.16 14.79 -1.17
C GLN A 259 21.45 14.23 -2.41
N PRO A 260 21.96 13.11 -2.95
CA PRO A 260 21.29 12.53 -4.11
C PRO A 260 19.81 12.24 -3.83
N SER A 261 18.95 12.38 -4.82
CA SER A 261 17.60 11.85 -4.71
C SER A 261 17.69 10.33 -4.65
N LYS A 262 16.78 9.73 -3.88
CA LYS A 262 16.83 8.31 -3.56
C LYS A 262 15.53 7.63 -3.97
N PRO A 263 15.42 7.23 -5.23
CA PRO A 263 14.14 6.60 -5.62
C PRO A 263 13.99 5.21 -5.02
N PHE A 264 12.74 4.81 -4.80
CA PHE A 264 12.46 3.44 -4.44
C PHE A 264 12.53 2.63 -5.72
N VAL A 265 13.31 1.57 -5.72
CA VAL A 265 13.56 0.76 -6.93
C VAL A 265 12.64 -0.44 -6.95
N GLY A 266 11.92 -0.62 -8.06
CA GLY A 266 11.03 -1.73 -8.24
C GLY A 266 11.60 -2.78 -9.18
N VAL A 267 11.25 -4.03 -8.92
CA VAL A 267 11.51 -5.12 -9.83
C VAL A 267 10.15 -5.58 -10.35
N LEU A 268 9.88 -5.27 -11.61
CA LEU A 268 8.69 -5.75 -12.27
C LEU A 268 8.76 -7.27 -12.18
N SER A 269 7.71 -7.88 -11.68
CA SER A 269 7.68 -9.30 -11.39
C SER A 269 6.37 -9.93 -11.84
N ALA A 270 6.40 -11.24 -12.11
CA ALA A 270 5.23 -11.96 -12.61
C ALA A 270 4.89 -13.08 -11.64
N GLY A 271 3.73 -12.98 -11.00
CA GLY A 271 3.31 -13.98 -10.04
C GLY A 271 2.23 -14.88 -10.60
N ILE A 272 2.11 -16.07 -10.01
CA ILE A 272 1.11 -17.05 -10.45
C ILE A 272 0.06 -17.22 -9.38
N ASN A 273 -1.19 -17.04 -9.77
CA ASN A 273 -2.35 -17.12 -8.90
C ASN A 273 -2.44 -18.52 -8.31
N ALA A 274 -2.51 -18.59 -6.99
CA ALA A 274 -2.58 -19.85 -6.27
C ALA A 274 -3.79 -20.69 -6.66
N ALA A 275 -4.85 -20.02 -7.13
CA ALA A 275 -6.07 -20.70 -7.52
C ALA A 275 -6.13 -21.01 -9.01
N SER A 276 -5.09 -20.67 -9.78
CA SER A 276 -5.07 -21.00 -11.19
C SER A 276 -5.02 -22.51 -11.41
N PRO A 277 -5.83 -23.03 -12.35
CA PRO A 277 -5.68 -24.42 -12.83
C PRO A 277 -4.63 -24.58 -13.91
N ASN A 278 -3.89 -23.52 -14.22
CA ASN A 278 -2.94 -23.50 -15.31
C ASN A 278 -1.53 -23.14 -14.85
N LYS A 279 -1.16 -23.56 -13.65
CA LYS A 279 0.12 -23.19 -13.06
C LYS A 279 1.30 -23.72 -13.85
N GLU A 280 1.12 -24.86 -14.51
CA GLU A 280 2.18 -25.49 -15.27
C GLU A 280 2.36 -24.77 -16.59
N LEU A 281 1.26 -24.33 -17.19
CA LEU A 281 1.31 -23.57 -18.43
C LEU A 281 1.86 -22.17 -18.19
N ALA A 282 1.46 -21.58 -17.05
CA ALA A 282 2.01 -20.30 -16.60
C ALA A 282 3.53 -20.35 -16.51
N LYS A 283 4.03 -21.36 -15.83
CA LYS A 283 5.48 -21.57 -15.70
C LYS A 283 6.19 -21.71 -17.05
N GLU A 284 5.59 -22.48 -17.94
CA GLU A 284 6.12 -22.66 -19.27
C GLU A 284 6.16 -21.34 -20.01
N PHE A 285 5.09 -20.57 -19.88
CA PHE A 285 5.02 -19.30 -20.58
C PHE A 285 6.10 -18.34 -20.05
N LEU A 286 6.19 -18.22 -18.73
CA LEU A 286 7.13 -17.28 -18.13
C LEU A 286 8.59 -17.67 -18.37
N GLU A 287 8.92 -18.94 -18.13
CA GLU A 287 10.31 -19.41 -18.23
C GLU A 287 10.79 -19.57 -19.65
N ASN A 288 9.95 -20.06 -20.56
CA ASN A 288 10.42 -20.48 -21.86
C ASN A 288 10.02 -19.57 -23.00
N TYR A 289 9.09 -18.65 -22.76
CA TYR A 289 8.67 -17.70 -23.78
C TYR A 289 8.98 -16.25 -23.43
N LEU A 290 8.57 -15.80 -22.25
CA LEU A 290 8.80 -14.42 -21.84
C LEU A 290 10.24 -14.18 -21.51
N LEU A 291 10.76 -14.91 -20.54
CA LEU A 291 12.11 -14.68 -20.04
C LEU A 291 13.15 -15.33 -20.96
N THR A 292 13.15 -14.89 -22.21
CA THR A 292 14.14 -15.25 -23.20
C THR A 292 14.52 -13.95 -23.89
N ASP A 293 15.59 -13.96 -24.68
CA ASP A 293 15.96 -12.74 -25.43
C ASP A 293 14.84 -12.27 -26.35
N GLU A 294 14.13 -13.22 -26.94
CA GLU A 294 13.10 -12.93 -27.94
C GLU A 294 11.85 -12.36 -27.30
N GLY A 295 11.48 -12.95 -26.17
CA GLY A 295 10.29 -12.56 -25.44
C GLY A 295 10.43 -11.18 -24.84
N LEU A 296 11.56 -10.93 -24.18
CA LEU A 296 11.81 -9.63 -23.54
C LEU A 296 11.94 -8.56 -24.61
N GLU A 297 12.58 -8.89 -25.73
CA GLU A 297 12.72 -7.92 -26.83
C GLU A 297 11.36 -7.45 -27.35
N ALA A 298 10.40 -8.38 -27.46
CA ALA A 298 9.07 -8.05 -27.96
C ALA A 298 8.39 -7.08 -26.99
N VAL A 299 8.53 -7.32 -25.70
CA VAL A 299 7.91 -6.43 -24.72
C VAL A 299 8.63 -5.08 -24.72
N ASN A 300 9.95 -5.15 -24.69
CA ASN A 300 10.82 -3.96 -24.63
C ASN A 300 10.64 -3.00 -25.81
N LYS A 301 10.44 -3.53 -27.01
CA LYS A 301 10.16 -2.72 -28.21
C LYS A 301 8.84 -1.99 -28.15
N ASP A 302 7.88 -2.52 -27.39
CA ASP A 302 6.61 -1.84 -27.15
C ASP A 302 6.83 -0.70 -26.15
N LYS A 303 7.18 -1.04 -24.91
CA LYS A 303 7.56 -0.06 -23.90
C LYS A 303 8.79 -0.58 -23.19
N PRO A 304 9.85 0.24 -23.07
CA PRO A 304 11.07 -0.29 -22.46
C PRO A 304 10.87 -0.79 -21.05
N LEU A 305 11.51 -1.90 -20.75
CA LEU A 305 11.35 -2.55 -19.46
C LEU A 305 12.22 -1.99 -18.36
N GLY A 306 13.35 -1.38 -18.72
CA GLY A 306 14.42 -1.06 -17.79
C GLY A 306 15.56 -2.03 -17.95
N ALA A 307 16.28 -2.27 -16.87
CA ALA A 307 17.39 -3.20 -16.83
C ALA A 307 16.82 -4.58 -16.55
N VAL A 308 16.81 -5.43 -17.56
CA VAL A 308 16.13 -6.71 -17.42
C VAL A 308 16.88 -7.68 -16.54
N ALA A 309 16.16 -8.64 -15.99
CA ALA A 309 16.71 -9.58 -15.05
C ALA A 309 17.50 -10.66 -15.77
N LEU A 310 17.22 -10.85 -17.06
CA LEU A 310 17.81 -11.91 -17.84
C LEU A 310 19.18 -11.46 -18.34
N LYS A 311 20.23 -12.09 -17.82
CA LYS A 311 21.61 -11.64 -18.05
C LYS A 311 21.98 -11.49 -19.52
N SER A 312 21.56 -12.45 -20.34
CA SER A 312 21.92 -12.46 -21.75
C SER A 312 21.36 -11.27 -22.51
N TYR A 313 20.12 -10.88 -22.22
CA TYR A 313 19.57 -9.73 -22.89
C TYR A 313 20.03 -8.40 -22.26
N GLU A 314 20.21 -8.38 -20.96
CA GLU A 314 20.67 -7.16 -20.29
C GLU A 314 22.05 -6.74 -20.77
N GLU A 315 22.90 -7.71 -21.10
CA GLU A 315 24.21 -7.39 -21.66
C GLU A 315 24.10 -6.54 -22.93
N GLU A 316 23.05 -6.72 -23.72
CA GLU A 316 22.76 -5.81 -24.83
C GLU A 316 22.15 -4.47 -24.38
N LEU A 317 21.15 -4.52 -23.50
CA LEU A 317 20.43 -3.28 -23.12
C LEU A 317 21.30 -2.34 -22.31
N ALA A 318 22.29 -2.89 -21.60
CA ALA A 318 23.16 -2.09 -20.74
C ALA A 318 24.05 -1.14 -21.54
N LYS A 319 24.22 -1.42 -22.82
CA LYS A 319 24.97 -0.53 -23.72
C LYS A 319 24.31 0.83 -23.93
N ASP A 320 22.99 0.89 -23.71
CA ASP A 320 22.19 2.09 -23.88
C ASP A 320 22.46 3.07 -22.72
N PRO A 321 22.95 4.28 -23.03
CA PRO A 321 23.16 5.33 -22.01
C PRO A 321 21.95 5.58 -21.10
N ARG A 322 20.75 5.41 -21.64
CA ARG A 322 19.53 5.63 -20.85
C ARG A 322 19.37 4.58 -19.75
N ILE A 323 19.76 3.36 -20.05
CA ILE A 323 19.78 2.30 -19.04
C ILE A 323 20.88 2.57 -18.03
N ALA A 324 21.99 3.14 -18.46
CA ALA A 324 23.06 3.52 -17.52
C ALA A 324 22.56 4.59 -16.56
N ALA A 325 21.74 5.52 -17.06
CA ALA A 325 21.14 6.55 -16.21
C ALA A 325 20.18 5.93 -15.22
N THR A 326 19.37 5.01 -15.72
CA THR A 326 18.42 4.31 -14.89
C THR A 326 19.13 3.62 -13.74
N MET A 327 20.20 2.88 -14.05
CA MET A 327 20.87 2.14 -13.00
C MET A 327 21.66 3.05 -12.06
N GLU A 328 22.12 4.21 -12.55
CA GLU A 328 22.81 5.15 -11.70
C GLU A 328 21.85 5.72 -10.63
N ASN A 329 20.63 6.04 -11.05
CA ASN A 329 19.60 6.48 -10.11
C ASN A 329 19.19 5.36 -9.15
N ALA A 330 19.08 4.14 -9.66
CA ALA A 330 18.81 2.98 -8.81
C ALA A 330 19.84 2.84 -7.67
N GLN A 331 21.11 3.01 -8.01
CA GLN A 331 22.20 2.85 -7.04
C GLN A 331 22.15 3.81 -5.86
N LYS A 332 21.55 4.98 -6.06
CA LYS A 332 21.38 5.92 -4.99
C LYS A 332 20.10 5.67 -4.22
N GLY A 333 19.16 4.94 -4.82
CA GLY A 333 17.91 4.65 -4.19
C GLY A 333 17.99 3.37 -3.39
N GLU A 334 16.85 2.75 -3.18
CA GLU A 334 16.80 1.48 -2.46
C GLU A 334 15.71 0.59 -2.99
N ILE A 335 16.01 -0.71 -3.05
CA ILE A 335 15.00 -1.73 -3.31
C ILE A 335 13.81 -1.55 -2.37
N MET A 336 12.61 -1.57 -2.91
CA MET A 336 11.42 -1.50 -2.08
C MET A 336 11.33 -2.73 -1.20
N PRO A 337 10.86 -2.55 0.04
CA PRO A 337 10.50 -3.75 0.79
C PRO A 337 9.35 -4.47 0.07
N ASN A 338 9.22 -5.76 0.31
CA ASN A 338 8.06 -6.49 -0.18
C ASN A 338 7.07 -6.92 0.92
N ILE A 339 7.27 -6.42 2.14
CA ILE A 339 6.46 -6.87 3.28
C ILE A 339 4.99 -6.44 3.11
N PRO A 340 4.07 -7.19 3.73
CA PRO A 340 2.64 -6.88 3.64
C PRO A 340 2.29 -5.44 3.97
N GLN A 341 3.08 -4.83 4.85
CA GLN A 341 2.81 -3.49 5.32
C GLN A 341 3.07 -2.41 4.26
N MET A 342 3.69 -2.78 3.15
CA MET A 342 3.97 -1.77 2.11
C MET A 342 2.74 -1.08 1.57
N SER A 343 1.63 -1.79 1.46
CA SER A 343 0.39 -1.21 0.95
C SER A 343 -0.05 -0.02 1.85
N ALA A 344 0.04 -0.23 3.15
CA ALA A 344 -0.36 0.77 4.13
C ALA A 344 0.58 1.97 4.08
N PHE A 345 1.88 1.72 3.96
CA PHE A 345 2.86 2.79 3.75
C PHE A 345 2.51 3.67 2.55
N TRP A 346 2.27 3.04 1.39
CA TRP A 346 2.04 3.81 0.18
C TRP A 346 0.77 4.65 0.29
N TYR A 347 -0.28 4.06 0.82
CA TYR A 347 -1.54 4.77 1.03
C TYR A 347 -1.34 5.96 2.00
N ALA A 348 -0.58 5.74 3.07
CA ALA A 348 -0.30 6.80 4.04
C ALA A 348 0.48 7.97 3.42
N VAL A 349 1.49 7.66 2.60
CA VAL A 349 2.29 8.70 2.00
C VAL A 349 1.54 9.40 0.87
N ARG A 350 0.74 8.65 0.10
CA ARG A 350 -0.08 9.27 -0.93
CA ARG A 350 -0.12 9.22 -0.93
C ARG A 350 -0.99 10.33 -0.30
N THR A 351 -1.62 9.99 0.81
CA THR A 351 -2.52 10.92 1.52
C THR A 351 -1.77 12.15 2.01
N ALA A 352 -0.60 11.94 2.60
CA ALA A 352 0.20 13.05 3.09
C ALA A 352 0.61 14.02 1.99
N VAL A 353 1.03 13.47 0.85
CA VAL A 353 1.51 14.33 -0.24
C VAL A 353 0.34 15.14 -0.83
N ILE A 354 -0.78 14.49 -1.04
CA ILE A 354 -1.97 15.16 -1.54
C ILE A 354 -2.43 16.27 -0.59
N ASN A 355 -2.52 15.97 0.70
CA ASN A 355 -3.02 16.94 1.65
C ASN A 355 -2.07 18.11 1.87
N ALA A 356 -0.77 17.84 1.86
CA ALA A 356 0.21 18.89 2.01
C ALA A 356 0.21 19.75 0.77
N ALA A 357 0.11 19.12 -0.39
CA ALA A 357 0.19 19.86 -1.64
C ALA A 357 -1.06 20.72 -1.90
N SER A 358 -2.21 20.24 -1.44
CA SER A 358 -3.47 20.95 -1.63
C SER A 358 -3.65 22.02 -0.58
N GLY A 359 -2.85 21.96 0.49
CA GLY A 359 -2.98 22.91 1.58
C GLY A 359 -3.98 22.52 2.66
N ARG A 360 -4.56 21.33 2.56
CA ARG A 360 -5.46 20.85 3.59
C ARG A 360 -4.76 20.65 4.92
N GLN A 361 -3.49 20.26 4.87
CA GLN A 361 -2.68 20.07 6.07
C GLN A 361 -1.33 20.69 5.85
N THR A 362 -0.69 21.09 6.95
CA THR A 362 0.71 21.49 6.89
C THR A 362 1.55 20.24 6.71
N VAL A 363 2.77 20.40 6.24
CA VAL A 363 3.67 19.25 6.09
C VAL A 363 3.79 18.49 7.40
N ASP A 364 3.94 19.21 8.52
CA ASP A 364 4.10 18.56 9.80
C ASP A 364 2.89 17.71 10.18
N GLU A 365 1.68 18.22 9.92
CA GLU A 365 0.47 17.47 10.22
C GLU A 365 0.36 16.26 9.31
N ALA A 366 0.59 16.48 8.02
CA ALA A 366 0.43 15.39 7.03
C ALA A 366 1.36 14.23 7.37
N LEU A 367 2.62 14.54 7.63
CA LEU A 367 3.62 13.51 7.87
C LEU A 367 3.47 12.88 9.24
N LYS A 368 2.94 13.62 10.21
CA LYS A 368 2.60 13.04 11.50
C LYS A 368 1.55 11.94 11.35
N ASP A 369 0.46 12.24 10.64
CA ASP A 369 -0.55 11.22 10.36
C ASP A 369 0.01 10.05 9.55
N ALA A 370 0.81 10.34 8.52
CA ALA A 370 1.37 9.28 7.67
C ALA A 370 2.26 8.34 8.47
N GLN A 371 3.07 8.90 9.37
CA GLN A 371 3.93 8.11 10.22
C GLN A 371 3.09 7.10 10.98
N THR A 372 1.98 7.58 11.54
CA THR A 372 1.07 6.73 12.28
C THR A 372 0.42 5.67 11.39
N ASN A 373 -0.18 6.11 10.30
CA ASN A 373 -0.90 5.21 9.43
C ASN A 373 0.03 4.19 8.71
N ALA A 374 1.24 4.59 8.35
CA ALA A 374 2.17 3.69 7.67
C ALA A 374 2.54 2.45 8.49
N GLY A 375 2.66 2.60 9.82
CA GLY A 375 3.03 1.50 10.66
C GLY A 375 1.85 0.82 11.36
N ALA A 376 0.63 1.30 11.16
CA ALA A 376 -0.55 0.70 11.82
C ALA A 376 -0.91 -0.62 11.11
N ILE A 377 -0.84 -1.72 11.85
CA ILE A 377 -1.13 -3.04 11.30
C ILE A 377 -2.65 -3.26 11.23
N VAL A 378 -3.11 -3.72 10.07
CA VAL A 378 -4.53 -4.01 9.83
C VAL A 378 -4.64 -5.46 9.40
N THR A 379 -5.50 -6.22 10.08
CA THR A 379 -5.66 -7.64 9.79
C THR A 379 -7.15 -7.96 9.61
N PRO A 380 -7.49 -8.78 8.59
CA PRO A 380 -8.92 -9.09 8.43
C PRO A 380 -9.44 -10.08 9.46
N TYR A 381 -10.70 -9.92 9.85
CA TYR A 381 -11.42 -10.90 10.66
C TYR A 381 -12.79 -11.14 10.06
N THR A 382 -13.38 -12.27 10.45
CA THR A 382 -14.75 -12.60 10.13
C THR A 382 -15.54 -12.67 11.44
N ILE A 383 -16.73 -12.07 11.46
CA ILE A 383 -17.56 -12.06 12.67
C ILE A 383 -18.40 -13.31 12.73
N LYS A 384 -18.51 -13.92 13.90
CA LYS A 384 -19.41 -15.06 14.10
C LYS A 384 -20.42 -14.76 15.20
N GLY A 385 -21.70 -14.95 14.92
CA GLY A 385 -22.74 -14.83 15.94
C GLY A 385 -23.47 -13.51 15.88
N GLU A 386 -24.48 -13.38 16.73
CA GLU A 386 -25.49 -12.33 16.64
C GLU A 386 -25.36 -11.27 17.72
N SER A 387 -24.42 -11.43 18.63
CA SER A 387 -24.40 -10.59 19.82
C SER A 387 -23.92 -9.15 19.63
N MET A 388 -23.45 -8.80 18.43
CA MET A 388 -23.20 -7.40 18.05
C MET A 388 -24.21 -6.87 17.04
N ASP A 389 -25.21 -7.67 16.70
CA ASP A 389 -26.21 -7.30 15.70
C ASP A 389 -27.03 -6.10 16.20
N PRO A 390 -27.32 -5.12 15.32
CA PRO A 390 -27.04 -5.07 13.88
C PRO A 390 -25.73 -4.35 13.52
N THR A 391 -24.99 -3.88 14.51
CA THR A 391 -23.74 -3.17 14.24
C THR A 391 -22.77 -4.03 13.41
N LEU A 392 -22.58 -5.27 13.83
CA LEU A 392 -21.86 -6.29 13.07
C LEU A 392 -22.77 -7.50 12.96
N LYS A 393 -22.68 -8.17 11.81
CA LYS A 393 -23.57 -9.29 11.51
C LYS A 393 -22.78 -10.57 11.42
N ASP A 394 -23.46 -11.67 11.68
CA ASP A 394 -22.85 -12.98 11.51
C ASP A 394 -22.28 -13.16 10.10
N GLY A 395 -20.99 -13.47 10.02
CA GLY A 395 -20.31 -13.67 8.73
C GLY A 395 -19.66 -12.42 8.17
N GLU A 396 -19.87 -11.28 8.83
CA GLU A 396 -19.38 -10.03 8.30
C GLU A 396 -17.86 -9.99 8.27
N ARG A 397 -17.29 -9.50 7.16
CA ARG A 397 -15.85 -9.31 7.04
C ARG A 397 -15.50 -7.95 7.60
N VAL A 398 -14.50 -7.88 8.47
CA VAL A 398 -14.08 -6.60 9.03
C VAL A 398 -12.57 -6.46 8.98
N ALA A 399 -12.11 -5.22 9.04
CA ALA A 399 -10.68 -4.92 9.15
C ALA A 399 -10.42 -4.54 10.61
N VAL A 400 -9.41 -5.16 11.21
CA VAL A 400 -9.08 -4.90 12.61
C VAL A 400 -7.73 -4.20 12.71
N ASN A 401 -7.75 -3.03 13.35
CA ASN A 401 -6.55 -2.26 13.58
C ASN A 401 -5.85 -2.77 14.82
N ILE A 402 -4.72 -3.42 14.63
CA ILE A 402 -3.99 -4.03 15.73
C ILE A 402 -3.55 -2.95 16.70
N VAL A 403 -3.75 -3.20 17.99
CA VAL A 403 -3.36 -2.25 19.02
C VAL A 403 -1.99 -2.65 19.52
N GLY A 404 -1.03 -1.73 19.41
CA GLY A 404 0.32 -1.95 19.90
C GLY A 404 0.33 -2.37 21.37
N TYR A 405 1.33 -3.14 21.72
CA TYR A 405 1.43 -3.86 23.00
C TYR A 405 0.81 -3.20 24.26
N LYS A 406 1.31 -2.02 24.63
CA LYS A 406 0.77 -1.33 25.81
C LYS A 406 0.56 0.15 25.50
N THR A 407 -0.02 0.44 24.34
CA THR A 407 -0.11 1.82 23.84
C THR A 407 -1.20 2.64 24.52
N GLY A 409 -4.14 3.10 23.53
CA GLY A 409 -5.05 4.21 23.31
C GLY A 409 -6.49 3.75 23.06
N LEU A 410 -6.95 2.81 23.88
CA LEU A 410 -8.35 2.34 23.82
C LEU A 410 -9.28 3.35 24.45
N GLU A 411 -10.41 3.56 23.80
CA GLU A 411 -11.37 4.54 24.26
C GLU A 411 -12.76 3.99 24.24
N LYS A 412 -13.57 4.55 25.12
CA LYS A 412 -14.99 4.28 25.14
C LYS A 412 -15.57 4.37 23.74
N GLY A 413 -16.34 3.35 23.38
CA GLY A 413 -17.00 3.28 22.09
C GLY A 413 -16.26 2.43 21.07
N ASN A 414 -14.95 2.24 21.25
CA ASN A 414 -14.19 1.33 20.40
C ASN A 414 -14.79 -0.06 20.43
N VAL A 415 -14.91 -0.69 19.27
CA VAL A 415 -15.30 -2.08 19.20
C VAL A 415 -13.99 -2.89 19.10
N VAL A 416 -13.78 -3.77 20.08
CA VAL A 416 -12.51 -4.46 20.20
C VAL A 416 -12.64 -5.96 20.00
N VAL A 417 -11.65 -6.52 19.31
CA VAL A 417 -11.43 -7.95 19.29
C VAL A 417 -10.46 -8.28 20.41
N PHE A 418 -10.76 -9.34 21.17
CA PHE A 418 -9.89 -9.76 22.27
C PHE A 418 -9.87 -11.26 22.41
N HIS A 419 -8.76 -11.77 22.97
CA HIS A 419 -8.63 -13.20 23.28
C HIS A 419 -9.45 -13.47 24.52
N ALA A 420 -10.43 -14.35 24.39
CA ALA A 420 -11.25 -14.74 25.53
C ALA A 420 -10.60 -15.92 26.26
N ASN A 421 -10.00 -16.81 25.47
CA ASN A 421 -9.21 -17.93 25.96
C ASN A 421 -8.18 -18.27 24.89
N LYS A 422 -7.37 -19.31 25.12
CA LYS A 422 -6.36 -19.74 24.16
C LYS A 422 -6.92 -20.08 22.76
N ASN A 423 -8.16 -20.59 22.73
CA ASN A 423 -8.83 -20.99 21.48
C ASN A 423 -9.78 -19.96 20.82
N ASP A 424 -10.33 -19.03 21.59
CA ASP A 424 -11.41 -18.18 21.09
C ASP A 424 -11.11 -16.68 21.19
N ASP A 425 -11.34 -15.96 20.10
CA ASP A 425 -11.39 -14.49 20.09
C ASP A 425 -12.84 -14.04 20.08
N TYR A 426 -13.15 -12.98 20.85
CA TYR A 426 -14.48 -12.39 20.90
C TYR A 426 -14.41 -10.94 20.40
N VAL A 427 -15.57 -10.36 20.13
CA VAL A 427 -15.66 -8.94 19.76
C VAL A 427 -16.83 -8.29 20.49
N LYS A 428 -16.52 -7.25 21.24
CA LYS A 428 -17.50 -6.50 22.00
C LYS A 428 -17.11 -5.02 22.02
N ARG A 429 -18.00 -4.17 22.53
CA ARG A 429 -17.71 -2.74 22.58
C ARG A 429 -17.19 -2.30 23.92
N VAL A 430 -16.17 -1.45 23.91
CA VAL A 430 -15.62 -0.85 25.15
C VAL A 430 -16.61 0.17 25.69
N ILE A 431 -17.12 -0.07 26.90
CA ILE A 431 -18.08 0.85 27.51
C ILE A 431 -17.42 1.62 28.65
N GLY A 432 -16.35 1.09 29.23
CA GLY A 432 -15.58 1.83 30.23
C GLY A 432 -14.13 1.42 30.18
N VAL A 433 -13.25 2.41 30.37
CA VAL A 433 -11.80 2.22 30.44
C VAL A 433 -11.27 2.44 31.87
N PRO A 434 -10.01 2.04 32.14
CA PRO A 434 -9.48 2.19 33.49
C PRO A 434 -9.69 3.59 34.04
N GLY A 435 -10.15 3.69 35.28
CA GLY A 435 -10.37 4.98 35.91
C GLY A 435 -11.81 5.43 35.79
N ASP A 436 -12.56 4.91 34.80
CA ASP A 436 -13.96 5.31 34.63
C ASP A 436 -14.82 4.68 35.70
N LYS A 437 -15.70 5.50 36.28
CA LYS A 437 -16.79 5.02 37.12
C LYS A 437 -18.02 4.77 36.25
N VAL A 438 -18.56 3.56 36.30
CA VAL A 438 -19.63 3.18 35.37
C VAL A 438 -20.70 2.36 36.07
N GLU A 439 -21.95 2.70 35.77
CA GLU A 439 -23.10 1.86 36.13
C GLU A 439 -24.23 2.07 35.12
N TYR A 440 -25.15 1.11 35.09
CA TYR A 440 -26.42 1.26 34.40
C TYR A 440 -27.58 1.31 35.36
N LYS A 441 -28.54 2.20 35.07
CA LYS A 441 -29.84 2.20 35.71
C LYS A 441 -30.83 1.94 34.61
N ASN A 442 -31.41 0.75 34.61
CA ASN A 442 -32.22 0.26 33.50
C ASN A 442 -31.44 0.23 32.19
N ASP A 443 -31.75 1.11 31.25
CA ASP A 443 -30.99 1.15 30.02
C ASP A 443 -30.16 2.41 29.93
N THR A 444 -30.11 3.19 31.01
CA THR A 444 -29.38 4.44 30.99
C THR A 444 -27.96 4.25 31.52
N LEU A 445 -26.99 4.57 30.66
CA LEU A 445 -25.57 4.45 30.97
C LEU A 445 -25.07 5.71 31.67
N TYR A 446 -24.45 5.52 32.84
CA TYR A 446 -23.74 6.61 33.55
C TYR A 446 -22.23 6.35 33.62
N VAL A 447 -21.46 7.30 33.06
CA VAL A 447 -20.02 7.24 33.06
C VAL A 447 -19.49 8.47 33.79
N ASN A 448 -18.72 8.25 34.85
CA ASN A 448 -18.15 9.33 35.66
C ASN A 448 -19.22 10.34 36.09
N GLY A 449 -20.33 9.81 36.59
CA GLY A 449 -21.46 10.62 37.06
C GLY A 449 -22.39 11.22 36.00
N LYS A 450 -22.09 11.06 34.72
CA LYS A 450 -22.88 11.73 33.67
C LYS A 450 -23.51 10.71 32.71
N LYS A 451 -24.80 10.89 32.41
CA LYS A 451 -25.48 10.01 31.45
C LYS A 451 -24.75 10.10 30.12
N GLN A 452 -24.53 8.95 29.49
CA GLN A 452 -23.91 8.90 28.17
C GLN A 452 -24.89 8.25 27.23
N ASP A 453 -25.19 8.95 26.13
CA ASP A 453 -26.03 8.43 25.07
C ASP A 453 -25.29 7.28 24.37
N GLU A 454 -26.04 6.29 23.92
CA GLU A 454 -25.49 5.20 23.12
C GLU A 454 -26.27 5.05 21.82
N PRO A 455 -25.94 5.89 20.82
CA PRO A 455 -26.70 5.86 19.58
C PRO A 455 -26.64 4.51 18.86
N TYR A 456 -25.55 3.77 19.03
CA TYR A 456 -25.39 2.44 18.41
C TYR A 456 -26.38 1.39 18.93
N LEU A 457 -27.10 1.68 20.00
CA LEU A 457 -28.14 0.79 20.54
C LEU A 457 -29.55 1.18 20.10
N ASN A 458 -29.65 2.28 19.35
CA ASN A 458 -30.93 2.82 18.91
C ASN A 458 -31.89 1.80 18.32
N TYR A 459 -31.42 1.00 17.36
CA TYR A 459 -32.30 0.01 16.73
C TYR A 459 -32.77 -1.05 17.73
N ASN A 460 -31.85 -1.56 18.54
CA ASN A 460 -32.20 -2.58 19.52
C ASN A 460 -33.09 -2.06 20.65
N LEU A 461 -32.85 -0.82 21.06
CA LEU A 461 -33.71 -0.18 22.05
C LEU A 461 -35.16 -0.05 21.57
N LYS A 462 -35.32 0.13 20.25
CA LYS A 462 -36.63 0.31 19.65
C LYS A 462 -37.26 -0.95 19.07
N HIS A 463 -36.58 -2.08 19.19
CA HIS A 463 -37.10 -3.40 18.79
C HIS A 463 -36.79 -4.44 19.85
N LYS A 464 -37.25 -4.21 21.07
CA LYS A 464 -36.87 -5.05 22.21
C LYS A 464 -38.01 -5.99 22.62
N GLN A 465 -37.66 -7.15 23.16
CA GLN A 465 -38.64 -8.11 23.67
C GLN A 465 -39.02 -7.80 25.10
N GLY A 466 -38.01 -7.49 25.91
CA GLY A 466 -38.21 -7.23 27.33
C GLY A 466 -38.35 -5.77 27.68
N ASP A 467 -38.44 -5.49 28.97
CA ASP A 467 -38.55 -4.11 29.44
C ASP A 467 -37.29 -3.28 29.19
N TYR A 468 -36.11 -3.89 29.36
CA TYR A 468 -34.83 -3.20 29.16
C TYR A 468 -33.88 -4.16 28.50
N ILE A 469 -32.99 -3.67 27.64
CA ILE A 469 -32.07 -4.56 26.95
C ILE A 469 -30.77 -4.78 27.71
N THR A 470 -30.30 -3.78 28.44
CA THR A 470 -29.11 -3.94 29.25
C THR A 470 -29.51 -4.26 30.69
N GLY A 471 -30.28 -3.38 31.30
CA GLY A 471 -30.71 -3.55 32.68
C GLY A 471 -29.69 -3.00 33.67
N THR A 472 -30.19 -2.68 34.85
CA THR A 472 -29.39 -2.12 35.93
C THR A 472 -28.23 -3.04 36.30
N PHE A 473 -27.03 -2.48 36.43
CA PHE A 473 -25.91 -3.20 37.03
C PHE A 473 -24.84 -2.18 37.36
N GLN A 474 -23.95 -2.56 38.27
CA GLN A 474 -22.83 -1.74 38.70
C GLN A 474 -21.52 -2.51 38.55
N VAL A 475 -20.46 -1.80 38.21
CA VAL A 475 -19.16 -2.42 37.94
C VAL A 475 -18.61 -3.17 39.17
N LYS A 476 -18.83 -2.62 40.36
CA LYS A 476 -18.36 -3.23 41.62
C LYS A 476 -18.84 -4.67 41.84
N ASP A 477 -19.95 -5.04 41.21
CA ASP A 477 -20.51 -6.40 41.31
C ASP A 477 -19.96 -7.41 40.32
N LEU A 478 -19.10 -6.98 39.39
CA LEU A 478 -18.64 -7.90 38.33
C LEU A 478 -17.30 -8.56 38.66
N PRO A 479 -17.05 -9.72 38.06
CA PRO A 479 -15.73 -10.35 38.18
C PRO A 479 -14.57 -9.48 37.69
N ASN A 480 -13.44 -9.61 38.38
CA ASN A 480 -12.23 -8.81 38.15
C ASN A 480 -12.38 -7.31 38.39
N ALA A 481 -13.42 -6.92 39.13
CA ALA A 481 -13.63 -5.53 39.52
C ALA A 481 -13.16 -5.32 40.94
N ASN A 482 -13.03 -4.06 41.35
CA ASN A 482 -12.83 -3.72 42.76
C ASN A 482 -14.20 -3.71 43.46
N PRO A 483 -14.47 -4.71 44.32
CA PRO A 483 -15.81 -4.83 44.92
C PRO A 483 -16.23 -3.66 45.81
N LYS A 484 -15.30 -2.76 46.10
CA LYS A 484 -15.60 -1.54 46.88
C LYS A 484 -15.89 -0.31 46.00
N SER A 485 -15.74 -0.42 44.68
CA SER A 485 -15.89 0.74 43.81
C SER A 485 -16.44 0.39 42.41
N ASN A 486 -17.13 1.37 41.81
CA ASN A 486 -17.57 1.30 40.41
C ASN A 486 -16.51 1.89 39.47
N VAL A 487 -15.39 2.34 40.03
CA VAL A 487 -14.25 2.80 39.27
C VAL A 487 -13.52 1.57 38.74
N ILE A 488 -13.38 1.51 37.42
CA ILE A 488 -12.76 0.38 36.76
C ILE A 488 -11.26 0.36 37.09
N PRO A 489 -10.73 -0.78 37.53
CA PRO A 489 -9.31 -0.81 37.92
C PRO A 489 -8.34 -0.60 36.76
N LYS A 490 -7.10 -0.28 37.13
CA LYS A 490 -6.01 -0.17 36.19
C LYS A 490 -5.91 -1.43 35.34
N GLY A 491 -5.70 -1.24 34.05
CA GLY A 491 -5.56 -2.37 33.13
C GLY A 491 -6.85 -3.11 32.78
N LYS A 492 -8.00 -2.65 33.28
CA LYS A 492 -9.26 -3.38 33.07
C LYS A 492 -10.25 -2.61 32.19
N TYR A 493 -11.09 -3.36 31.49
CA TYR A 493 -12.09 -2.82 30.55
C TYR A 493 -13.45 -3.48 30.74
N LEU A 494 -14.49 -2.65 30.70
CA LEU A 494 -15.88 -3.10 30.69
C LEU A 494 -16.34 -3.18 29.24
N VAL A 495 -16.73 -4.38 28.79
CA VAL A 495 -17.15 -4.56 27.39
C VAL A 495 -18.53 -5.19 27.31
N LEU A 496 -19.37 -4.66 26.42
CA LEU A 496 -20.73 -5.12 26.21
C LEU A 496 -20.99 -5.31 24.73
N GLY A 497 -21.84 -6.27 24.38
CA GLY A 497 -22.27 -6.48 23.01
C GLY A 497 -23.46 -5.58 22.67
N ASP A 498 -23.48 -5.05 21.44
CA ASP A 498 -24.55 -4.14 21.06
C ASP A 498 -25.92 -4.81 21.08
N ASN A 499 -25.99 -6.11 20.81
CA ASN A 499 -27.25 -6.82 20.89
C ASN A 499 -27.49 -7.21 22.34
N ARG A 500 -27.78 -6.21 23.16
CA ARG A 500 -27.70 -6.34 24.62
C ARG A 500 -28.61 -7.46 25.19
N GLU A 501 -29.75 -7.71 24.57
CA GLU A 501 -30.68 -8.74 25.06
C GLU A 501 -30.11 -10.17 24.99
N VAL A 502 -29.19 -10.44 24.06
CA VAL A 502 -28.65 -11.80 23.94
C VAL A 502 -27.16 -11.90 24.26
N SER A 503 -26.47 -10.77 24.39
CA SER A 503 -25.03 -10.80 24.50
C SER A 503 -24.53 -11.31 25.87
N LYS A 504 -23.65 -12.30 25.82
CA LYS A 504 -22.85 -12.72 26.96
C LYS A 504 -21.58 -11.87 26.95
N ASP A 505 -21.46 -10.96 27.90
CA ASP A 505 -20.38 -9.99 27.87
C ASP A 505 -19.92 -9.72 29.31
N SER A 506 -19.36 -8.55 29.61
CA SER A 506 -18.86 -8.27 30.97
C SER A 506 -19.93 -8.43 32.05
N ARG A 507 -21.21 -8.32 31.70
CA ARG A 507 -22.28 -8.55 32.67
C ARG A 507 -22.23 -9.98 33.20
N ALA A 508 -21.75 -10.91 32.39
CA ALA A 508 -21.59 -12.30 32.81
C ALA A 508 -20.18 -12.58 33.27
N PHE A 509 -19.19 -12.38 32.38
CA PHE A 509 -17.81 -12.80 32.69
C PHE A 509 -16.91 -11.72 33.32
N GLY A 510 -17.43 -10.51 33.50
CA GLY A 510 -16.71 -9.42 34.17
C GLY A 510 -15.76 -8.60 33.30
N LEU A 511 -14.91 -7.82 33.96
CA LEU A 511 -13.96 -6.97 33.26
C LEU A 511 -12.86 -7.77 32.60
N ILE A 512 -12.43 -7.32 31.43
CA ILE A 512 -11.32 -7.96 30.75
C ILE A 512 -10.05 -7.15 30.94
N ASP A 513 -8.94 -7.77 30.58
CA ASP A 513 -7.66 -7.17 30.81
C ASP A 513 -7.10 -6.61 29.51
N GLU A 514 -6.35 -5.53 29.66
CA GLU A 514 -5.63 -4.92 28.56
C GLU A 514 -4.83 -5.94 27.74
N ASP A 515 -4.21 -6.93 28.41
CA ASP A 515 -3.41 -7.96 27.75
C ASP A 515 -4.21 -8.88 26.81
N GLN A 516 -5.54 -8.91 26.95
CA GLN A 516 -6.36 -9.72 26.06
C GLN A 516 -6.67 -9.06 24.73
N ILE A 517 -6.45 -7.76 24.64
CA ILE A 517 -6.95 -6.99 23.50
C ILE A 517 -6.05 -7.13 22.27
N VAL A 518 -6.68 -7.49 21.15
CA VAL A 518 -5.99 -7.68 19.89
C VAL A 518 -5.99 -6.40 19.08
N GLY A 519 -7.17 -5.81 18.89
CA GLY A 519 -7.30 -4.59 18.12
C GLY A 519 -8.69 -3.99 18.08
N LYS A 520 -8.85 -2.94 17.27
CA LYS A 520 -10.09 -2.19 17.12
C LYS A 520 -10.66 -2.45 15.75
N VAL A 521 -11.95 -2.70 15.67
CA VAL A 521 -12.62 -2.88 14.40
C VAL A 521 -12.76 -1.49 13.75
N SER A 522 -12.34 -1.36 12.49
CA SER A 522 -12.55 -0.11 11.73
C SER A 522 -13.93 -0.10 11.13
N PHE A 523 -14.59 1.04 11.20
CA PHE A 523 -15.90 1.17 10.58
C PHE A 523 -15.91 2.24 9.49
N ARG A 524 -16.65 1.97 8.42
CA ARG A 524 -16.90 2.99 7.40
C ARG A 524 -18.16 3.72 7.79
N PHE A 525 -18.09 5.06 7.90
CA PHE A 525 -19.29 5.85 8.16
C PHE A 525 -20.01 6.09 6.82
N TRP A 526 -21.33 5.99 6.85
CA TRP A 526 -22.11 6.01 5.62
C TRP A 526 -22.08 7.39 4.90
N SER A 527 -21.94 8.47 5.66
CA SER A 527 -21.86 9.81 5.09
C SER A 527 -20.44 10.36 5.08
N HIS A 528 -20.15 11.13 4.05
CA HIS A 528 -18.92 11.91 3.96
C HIS A 528 -19.19 13.02 2.96
N PRO A 529 -18.34 14.07 2.95
CA PRO A 529 -18.53 15.14 1.98
C PRO A 529 -18.45 14.65 0.52
N GLN A 530 -18.98 15.48 -0.39
CA GLN A 530 -19.00 15.19 -1.81
C GLN A 530 -17.72 15.67 -2.51
N PHE A 531 -16.95 16.48 -1.79
CA PHE A 531 -15.65 17.04 -2.21
C PHE A 531 -15.06 17.73 -0.97
N GLU A 532 -13.76 17.58 -0.74
CA GLU A 532 -13.13 18.18 0.45
C GLU A 532 -11.70 18.64 0.16
CA GLY B 1 1.60 -12.62 6.23
C GLY B 1 2.05 -14.06 6.26
N GLY B 2 1.13 -14.95 6.60
CA GLY B 2 1.43 -16.38 6.66
C GLY B 2 0.76 -17.16 5.56
N GLY B 3 -0.45 -16.75 5.19
CA GLY B 3 -1.21 -17.43 4.13
C GLY B 3 -2.38 -18.26 4.63
N GLY B 4 -2.63 -18.22 5.94
CA GLY B 4 -3.67 -19.05 6.55
C GLY B 4 -5.08 -18.51 6.39
N ALA B 5 -6.03 -19.18 6.99
CA ALA B 5 -7.40 -18.72 7.00
C ALA B 5 -7.55 -17.44 7.79
N VAL B 6 -8.55 -16.66 7.42
CA VAL B 6 -8.94 -15.48 8.14
C VAL B 6 -9.49 -15.86 9.49
N PRO B 7 -8.91 -15.20 10.58
CA PRO B 7 -9.47 -15.62 11.87
C PRO B 7 -10.91 -15.17 12.10
N THR B 8 -11.56 -15.74 13.09
CA THR B 8 -12.92 -15.39 13.43
C THR B 8 -12.97 -14.78 14.81
N ALA B 9 -13.91 -13.85 14.99
CA ALA B 9 -14.22 -13.29 16.30
C ALA B 9 -15.71 -13.50 16.57
N LYS B 10 -16.02 -14.07 17.74
CA LYS B 10 -17.41 -14.37 18.14
C LYS B 10 -18.03 -13.14 18.74
N ALA B 11 -19.14 -12.69 18.15
CA ALA B 11 -19.80 -11.46 18.58
C ALA B 11 -20.51 -11.63 19.92
C1 GLC C . 4.91 2.27 -12.41
C2 GLC C . 5.79 1.33 -11.60
C3 GLC C . 5.16 1.01 -10.26
C4 GLC C . 4.71 2.25 -9.54
C5 GLC C . 3.77 3.08 -10.41
C6 GLC C . 3.43 4.41 -9.73
O1 GLC C . 3.80 1.55 -12.85
O2 GLC C . 6.00 0.08 -12.27
O3 GLC C . 6.16 0.36 -9.47
O4 GLC C . 4.06 1.83 -8.33
O5 GLC C . 4.46 3.39 -11.64
O6 GLC C . 2.21 4.93 -10.23
C1 GLC C . 4.88 1.91 -7.15
C2 GLC C . 4.63 0.66 -6.32
C3 GLC C . 3.16 0.58 -5.94
C4 GLC C . 2.77 1.84 -5.18
C5 GLC C . 3.10 3.09 -6.00
C6 GLC C . 2.83 4.34 -5.18
O2 GLC C . 5.03 -0.47 -7.11
O3 GLC C . 2.87 -0.62 -5.21
O4 GLC C . 1.36 1.80 -4.85
O5 GLC C . 4.48 3.04 -6.38
O6 GLC C . 2.83 5.50 -6.01
#